data_5LWS
#
_entry.id   5LWS
#
_cell.length_a   45.327
_cell.length_b   73.095
_cell.length_c   53.029
_cell.angle_alpha   90.00
_cell.angle_beta   109.83
_cell.angle_gamma   90.00
#
_symmetry.space_group_name_H-M   'P 1 21 1'
#
loop_
_entity.id
_entity.type
_entity.pdbx_description
1 polymer Endothiapepsin
2 non-polymer 'DIMETHYL SULFOXIDE'
3 non-polymer GLYCEROL
4 non-polymer 'ACETATE ION'
5 non-polymer 4-[12-[(1-chloranyl-5,6,7-trimethyl-pyrrolo[3,4-d]pyridazin-3-ium-3-yl)methyl]-10,11-dimethyl-3,4,6,7,11-pentazatricyclo[7.3.0.0^{2,6}]dodeca-1(12),2,4,7,9-pentaen-5-yl]-1,2,5-trimethyl-pyrrole-3-carbaldehyde
6 non-polymer 4-chloranyl-5,6,7-trimethyl-pyrrolo[3,4-d]pyridazine
7 non-polymer 'trifluoroacetic acid'
8 water water
#
_entity_poly.entity_id   1
_entity_poly.type   'polypeptide(L)'
_entity_poly.pdbx_seq_one_letter_code
;STGSATTTPIDSLDDAYITPVQIGTPAQTLNLDFDTGSSDLWVFSSETTASEVDGQTIYTPSKSTTAKLLSGATWSISYG
DGSSSSGDVYTDTVSVGGLTVTGQAVESAKKVSSSFTEDSTIDGLLGLAFSTLNTVSPTQQKTFFDNAKASLDSPVFTAD
LGYHAPGTYNFGFIDTTAYTGSITYTAVSTKQGFWEWTSTGYAVGSGTFKSTSIDGIADTGTTLLYLPATVVSAYWAQVS
GAKSSSSVGGYVFPCSATLPSFTFGVGSARIVIPGDYIDFGPISTGSSSCFGGIQSSAGIGINIFGDVALKAAFVVFNGA
TTPTLGFASK
;
_entity_poly.pdbx_strand_id   A
#
# COMPACT_ATOMS: atom_id res chain seq x y z
N SER A 1 20.74 -11.76 5.34
CA SER A 1 19.44 -12.40 5.68
C SER A 1 18.42 -12.03 4.63
N THR A 2 17.31 -12.77 4.63
CA THR A 2 16.15 -12.47 3.81
C THR A 2 14.90 -12.81 4.60
N GLY A 3 13.75 -12.33 4.10
CA GLY A 3 12.46 -12.77 4.57
C GLY A 3 11.48 -12.89 3.41
N SER A 4 10.44 -13.70 3.58
CA SER A 4 9.43 -13.88 2.55
C SER A 4 8.11 -14.21 3.22
N ALA A 5 7.08 -13.39 2.98
CA ALA A 5 5.78 -13.59 3.59
C ALA A 5 4.69 -13.45 2.54
N THR A 6 3.65 -14.27 2.68
CA THR A 6 2.49 -14.17 1.82
C THR A 6 1.59 -13.06 2.31
N THR A 7 1.05 -12.30 1.35
CA THR A 7 0.09 -11.25 1.61
C THR A 7 -1.23 -11.64 0.96
N THR A 8 -2.34 -11.44 1.69
CA THR A 8 -3.65 -12.00 1.32
C THR A 8 -4.68 -10.88 1.27
N PRO A 9 -5.50 -10.80 0.21
N PRO A 9 -5.52 -10.82 0.22
CA PRO A 9 -6.60 -9.82 0.21
CA PRO A 9 -6.58 -9.80 0.20
C PRO A 9 -7.51 -10.00 1.42
C PRO A 9 -7.56 -10.00 1.35
N ILE A 10 -8.02 -8.87 1.93
CA ILE A 10 -8.92 -8.95 3.08
C ILE A 10 -10.34 -9.32 2.67
N ASP A 11 -10.68 -9.19 1.40
CA ASP A 11 -12.04 -9.40 0.92
C ASP A 11 -11.97 -9.68 -0.56
N SER A 12 -13.14 -9.92 -1.16
CA SER A 12 -13.25 -10.35 -2.55
C SER A 12 -12.93 -9.26 -3.54
N LEU A 13 -12.74 -8.02 -3.10
CA LEU A 13 -12.47 -6.89 -3.97
C LEU A 13 -11.02 -6.44 -3.90
N ASP A 14 -10.19 -7.08 -3.07
CA ASP A 14 -8.83 -6.60 -2.84
C ASP A 14 -8.83 -5.19 -2.25
N ASP A 15 -9.71 -4.95 -1.29
CA ASP A 15 -9.75 -3.63 -0.67
C ASP A 15 -8.47 -3.31 0.09
N ALA A 16 -7.78 -4.33 0.59
CA ALA A 16 -6.49 -4.19 1.23
C ALA A 16 -5.90 -5.58 1.30
N TYR A 17 -4.63 -5.67 1.71
CA TYR A 17 -3.91 -6.92 1.84
C TYR A 17 -3.33 -6.99 3.24
N ILE A 18 -3.37 -8.18 3.84
CA ILE A 18 -2.80 -8.41 5.16
C ILE A 18 -1.68 -9.45 5.08
N THR A 19 -0.67 -9.22 5.89
CA THR A 19 0.54 -10.02 5.95
C THR A 19 0.81 -10.37 7.40
N PRO A 20 1.02 -11.65 7.75
CA PRO A 20 1.25 -11.99 9.15
C PRO A 20 2.62 -11.53 9.61
N VAL A 21 2.68 -10.99 10.83
CA VAL A 21 3.88 -10.45 11.45
C VAL A 21 3.96 -10.97 12.88
N GLN A 22 5.13 -11.49 13.26
CA GLN A 22 5.37 -11.98 14.61
C GLN A 22 5.96 -10.87 15.46
N ILE A 23 5.33 -10.59 16.61
CA ILE A 23 5.78 -9.54 17.51
C ILE A 23 5.96 -10.13 18.91
N GLY A 24 7.12 -9.91 19.51
CA GLY A 24 7.31 -10.27 20.91
C GLY A 24 7.79 -11.69 21.11
N THR A 25 7.95 -12.01 22.41
CA THR A 25 8.45 -13.31 22.86
C THR A 25 7.59 -13.76 24.04
N PRO A 26 6.90 -14.91 23.92
CA PRO A 26 6.70 -15.70 22.70
C PRO A 26 6.01 -14.86 21.63
N ALA A 27 6.09 -15.32 20.39
CA ALA A 27 5.52 -14.54 19.30
C ALA A 27 4.03 -14.34 19.48
N GLN A 28 3.58 -13.15 19.13
CA GLN A 28 2.17 -12.81 18.95
C GLN A 28 2.03 -12.46 17.48
N THR A 29 1.22 -13.21 16.75
CA THR A 29 1.09 -12.99 15.30
C THR A 29 -0.11 -12.09 15.05
N LEU A 30 0.16 -10.94 14.41
CA LEU A 30 -0.87 -10.00 14.00
C LEU A 30 -0.83 -9.86 12.49
N ASN A 31 -1.97 -9.59 11.87
CA ASN A 31 -2.06 -9.44 10.42
C ASN A 31 -2.07 -7.96 10.10
N LEU A 32 -0.96 -7.50 9.50
CA LEU A 32 -0.75 -6.08 9.29
C LEU A 32 -0.87 -5.71 7.82
N ASP A 33 -1.25 -4.45 7.60
N ASP A 33 -1.31 -4.47 7.61
CA ASP A 33 -1.35 -3.85 6.27
CA ASP A 33 -1.37 -3.84 6.29
C ASP A 33 -0.02 -3.17 5.94
C ASP A 33 0.00 -3.22 6.00
N PHE A 34 0.75 -3.82 5.07
CA PHE A 34 2.05 -3.29 4.66
C PHE A 34 1.83 -2.10 3.74
N ASP A 35 2.34 -0.94 4.16
CA ASP A 35 1.95 0.35 3.58
C ASP A 35 3.18 1.14 3.15
N THR A 36 3.52 1.10 1.85
CA THR A 36 4.66 1.87 1.36
C THR A 36 4.41 3.37 1.28
N GLY A 37 3.24 3.85 1.71
CA GLY A 37 2.96 5.25 1.83
C GLY A 37 2.95 5.82 3.24
N SER A 38 3.38 5.06 4.24
CA SER A 38 3.54 5.60 5.59
C SER A 38 4.69 4.88 6.26
N SER A 39 5.05 5.34 7.49
CA SER A 39 6.31 4.95 8.09
C SER A 39 6.19 4.59 9.57
N ASP A 40 4.98 4.24 10.02
CA ASP A 40 4.73 3.82 11.40
C ASP A 40 4.31 2.35 11.36
N LEU A 41 4.84 1.56 12.29
CA LEU A 41 4.38 0.20 12.57
C LEU A 41 3.54 0.32 13.83
N TRP A 42 2.23 0.25 13.66
CA TRP A 42 1.32 0.38 14.80
C TRP A 42 0.35 -0.79 14.82
N VAL A 43 -0.10 -1.11 16.03
CA VAL A 43 -0.96 -2.27 16.26
C VAL A 43 -2.09 -1.97 17.22
N PHE A 44 -3.21 -2.62 16.98
CA PHE A 44 -4.21 -2.79 18.02
C PHE A 44 -3.54 -3.51 19.20
N SER A 45 -3.93 -3.14 20.42
CA SER A 45 -3.22 -3.63 21.58
C SER A 45 -4.15 -3.73 22.79
N SER A 46 -3.59 -4.29 23.85
CA SER A 46 -4.27 -4.31 25.15
C SER A 46 -4.52 -2.91 25.70
N GLU A 47 -3.90 -1.88 25.12
CA GLU A 47 -4.12 -0.50 25.53
C GLU A 47 -5.20 0.20 24.71
N THR A 48 -5.69 -0.41 23.64
CA THR A 48 -6.65 0.27 22.78
C THR A 48 -7.99 0.37 23.49
N THR A 49 -8.56 1.57 23.47
CA THR A 49 -9.89 1.82 24.02
C THR A 49 -10.83 0.67 23.67
N ALA A 50 -11.40 0.03 24.69
CA ALA A 50 -12.11 -1.23 24.48
C ALA A 50 -13.22 -1.09 23.45
N SER A 51 -13.97 0.01 23.48
CA SER A 51 -15.10 0.18 22.56
C SER A 51 -14.65 0.35 21.12
N GLU A 52 -13.36 0.56 20.90
CA GLU A 52 -12.81 0.73 19.56
C GLU A 52 -12.18 -0.52 19.00
N VAL A 53 -12.24 -1.64 19.73
CA VAL A 53 -11.78 -2.94 19.27
C VAL A 53 -13.02 -3.79 18.96
N ASP A 54 -13.05 -4.36 17.76
CA ASP A 54 -14.18 -5.15 17.32
C ASP A 54 -13.64 -6.28 16.43
N GLY A 55 -13.03 -7.28 17.05
CA GLY A 55 -12.61 -8.49 16.38
C GLY A 55 -11.16 -8.56 15.98
N GLN A 56 -10.41 -7.46 16.11
CA GLN A 56 -8.99 -7.49 15.77
C GLN A 56 -8.22 -8.32 16.78
N THR A 57 -7.11 -8.89 16.33
CA THR A 57 -6.14 -9.48 17.23
C THR A 57 -5.26 -8.37 17.80
N ILE A 58 -5.04 -8.41 19.12
CA ILE A 58 -4.30 -7.37 19.83
C ILE A 58 -2.93 -7.87 20.25
N TYR A 59 -1.98 -6.93 20.26
CA TYR A 59 -0.68 -7.11 20.88
C TYR A 59 -0.79 -6.77 22.36
N THR A 60 -0.30 -7.65 23.23
CA THR A 60 -0.27 -7.41 24.68
C THR A 60 1.19 -7.34 25.11
N PRO A 61 1.76 -6.14 25.24
CA PRO A 61 3.19 -6.06 25.57
C PRO A 61 3.55 -6.68 26.91
N SER A 62 2.64 -6.69 27.89
CA SER A 62 2.96 -7.27 29.18
C SER A 62 3.19 -8.77 29.11
N LYS A 63 2.75 -9.42 28.04
CA LYS A 63 2.98 -10.85 27.86
C LYS A 63 4.23 -11.16 27.04
N SER A 64 4.96 -10.13 26.62
CA SER A 64 6.18 -10.30 25.84
C SER A 64 7.39 -10.00 26.71
N THR A 65 8.27 -10.99 26.85
CA THR A 65 9.42 -10.82 27.72
C THR A 65 10.48 -9.91 27.11
N THR A 66 10.35 -9.59 25.82
CA THR A 66 11.28 -8.70 25.14
C THR A 66 10.71 -7.31 24.93
N ALA A 67 9.47 -7.05 25.33
CA ALA A 67 8.90 -5.73 25.16
C ALA A 67 9.46 -4.76 26.20
N LYS A 68 9.72 -3.53 25.78
N LYS A 68 9.74 -3.54 25.76
CA LYS A 68 10.17 -2.50 26.70
CA LYS A 68 10.20 -2.46 26.64
C LYS A 68 9.48 -1.19 26.32
C LYS A 68 9.41 -1.21 26.30
N LEU A 69 8.85 -0.54 27.30
CA LEU A 69 8.20 0.73 27.05
C LEU A 69 9.26 1.73 26.60
N LEU A 70 8.99 2.46 25.53
CA LEU A 70 9.89 3.53 25.09
C LEU A 70 9.45 4.79 25.82
N SER A 71 10.19 5.13 26.87
CA SER A 71 9.71 6.08 27.85
C SER A 71 9.47 7.44 27.23
N GLY A 72 8.27 7.97 27.43
CA GLY A 72 7.94 9.31 26.98
C GLY A 72 7.51 9.41 25.53
N ALA A 73 7.54 8.32 24.78
CA ALA A 73 7.27 8.37 23.35
C ALA A 73 5.79 8.22 23.07
N THR A 74 5.27 9.06 22.18
CA THR A 74 3.90 8.95 21.71
C THR A 74 3.90 9.06 20.19
N TRP A 75 2.75 8.72 19.59
CA TRP A 75 2.61 8.78 18.15
C TRP A 75 1.17 9.14 17.83
N SER A 76 0.96 9.71 16.64
CA SER A 76 -0.36 10.10 16.19
C SER A 76 -0.28 10.30 14.69
N ILE A 77 -1.16 9.64 13.95
CA ILE A 77 -1.08 9.65 12.50
C ILE A 77 -2.48 9.81 11.93
N SER A 78 -2.54 10.47 10.79
N SER A 78 -2.55 10.44 10.75
CA SER A 78 -3.73 10.56 9.97
CA SER A 78 -3.79 10.52 10.00
C SER A 78 -3.35 10.06 8.57
C SER A 78 -3.47 10.25 8.53
N TYR A 79 -4.30 9.43 7.90
CA TYR A 79 -4.07 8.87 6.59
C TYR A 79 -4.92 9.60 5.54
N GLY A 80 -4.63 9.31 4.26
CA GLY A 80 -5.23 10.00 3.15
C GLY A 80 -6.73 9.84 3.05
N ASP A 81 -7.28 8.78 3.62
CA ASP A 81 -8.72 8.57 3.65
C ASP A 81 -9.39 9.23 4.85
N GLY A 82 -8.64 9.95 5.67
CA GLY A 82 -9.20 10.60 6.83
C GLY A 82 -9.19 9.78 8.10
N SER A 83 -8.74 8.54 8.04
CA SER A 83 -8.67 7.71 9.24
C SER A 83 -7.44 8.11 10.05
N SER A 84 -7.38 7.64 11.29
CA SER A 84 -6.33 8.09 12.21
C SER A 84 -6.20 7.09 13.35
N SER A 85 -5.07 7.19 14.04
CA SER A 85 -4.82 6.41 15.25
C SER A 85 -3.68 7.06 16.01
N SER A 86 -3.55 6.70 17.29
CA SER A 86 -2.54 7.31 18.15
C SER A 86 -2.31 6.42 19.38
N GLY A 87 -1.17 6.64 20.04
CA GLY A 87 -0.91 5.91 21.28
C GLY A 87 0.49 6.12 21.79
N ASP A 88 1.02 5.07 22.44
CA ASP A 88 2.36 5.06 23.02
C ASP A 88 3.22 4.02 22.30
N VAL A 89 4.44 3.78 22.77
CA VAL A 89 5.42 3.05 21.98
C VAL A 89 6.20 2.08 22.85
N TYR A 90 6.37 0.87 22.33
CA TYR A 90 7.26 -0.13 22.88
C TYR A 90 8.35 -0.41 21.86
N THR A 91 9.46 -0.97 22.31
CA THR A 91 10.36 -1.69 21.42
C THR A 91 10.22 -3.19 21.68
N ASP A 92 10.31 -4.00 20.62
CA ASP A 92 10.16 -5.44 20.75
C ASP A 92 10.77 -6.09 19.51
N THR A 93 10.86 -7.42 19.56
CA THR A 93 11.32 -8.19 18.42
C THR A 93 10.19 -8.41 17.43
N VAL A 94 10.45 -8.11 16.16
CA VAL A 94 9.46 -8.21 15.11
C VAL A 94 10.05 -9.07 13.99
N SER A 95 9.30 -10.07 13.53
CA SER A 95 9.76 -10.90 12.44
C SER A 95 8.71 -10.94 11.34
N VAL A 96 9.19 -10.89 10.11
CA VAL A 96 8.35 -10.97 8.91
C VAL A 96 8.92 -12.06 8.02
N GLY A 97 8.17 -13.14 7.85
CA GLY A 97 8.60 -14.15 6.91
C GLY A 97 9.98 -14.69 7.18
N GLY A 98 10.35 -14.83 8.46
CA GLY A 98 11.64 -15.35 8.81
C GLY A 98 12.76 -14.33 9.00
N LEU A 99 12.53 -13.05 8.68
CA LEU A 99 13.48 -11.96 8.90
C LEU A 99 13.15 -11.28 10.23
N THR A 100 14.13 -11.18 11.13
CA THR A 100 13.91 -10.67 12.47
C THR A 100 14.66 -9.36 12.69
N VAL A 101 13.96 -8.40 13.29
CA VAL A 101 14.54 -7.15 13.77
C VAL A 101 14.32 -7.10 15.28
N THR A 102 15.40 -6.94 16.03
CA THR A 102 15.29 -6.69 17.46
C THR A 102 15.24 -5.18 17.71
N GLY A 103 14.50 -4.79 18.74
CA GLY A 103 14.43 -3.38 19.07
C GLY A 103 13.60 -2.55 18.13
N GLN A 104 12.68 -3.16 17.39
CA GLN A 104 11.79 -2.42 16.51
C GLN A 104 10.77 -1.63 17.33
N ALA A 105 10.53 -0.36 16.94
CA ALA A 105 9.46 0.40 17.54
C ALA A 105 8.12 -0.17 17.09
N VAL A 106 7.34 -0.59 18.08
CA VAL A 106 6.00 -1.09 17.90
C VAL A 106 5.07 -0.10 18.57
N GLU A 107 4.31 0.62 17.76
CA GLU A 107 3.46 1.70 18.24
C GLU A 107 2.12 1.11 18.65
N SER A 108 1.80 1.18 19.93
CA SER A 108 0.59 0.59 20.50
C SER A 108 -0.54 1.61 20.48
N ALA A 109 -1.64 1.28 19.82
CA ALA A 109 -2.75 2.21 19.74
C ALA A 109 -3.51 2.31 21.04
N LYS A 110 -3.72 3.53 21.50
CA LYS A 110 -4.71 3.82 22.53
C LYS A 110 -6.06 4.22 21.92
N LYS A 111 -6.03 4.86 20.75
CA LYS A 111 -7.21 5.32 20.04
C LYS A 111 -7.06 4.97 18.57
N VAL A 112 -8.15 4.52 17.97
CA VAL A 112 -8.24 4.35 16.53
C VAL A 112 -9.57 4.94 16.05
N SER A 113 -9.60 5.40 14.80
CA SER A 113 -10.83 5.95 14.25
C SER A 113 -11.77 4.84 13.78
N SER A 114 -13.00 5.24 13.45
CA SER A 114 -14.07 4.27 13.23
C SER A 114 -13.76 3.29 12.11
N SER A 115 -13.11 3.74 11.04
N SER A 115 -13.10 3.74 11.04
CA SER A 115 -12.84 2.82 9.93
CA SER A 115 -12.83 2.82 9.93
C SER A 115 -11.95 1.68 10.36
C SER A 115 -11.91 1.70 10.33
N PHE A 116 -10.99 1.94 11.27
CA PHE A 116 -10.16 0.86 11.78
C PHE A 116 -10.98 -0.10 12.63
N THR A 117 -11.78 0.44 13.56
CA THR A 117 -12.62 -0.42 14.40
C THR A 117 -13.50 -1.31 13.56
N GLU A 118 -14.10 -0.75 12.51
CA GLU A 118 -15.08 -1.44 11.70
C GLU A 118 -14.47 -2.49 10.81
N ASP A 119 -13.16 -2.54 10.68
CA ASP A 119 -12.50 -3.55 9.85
C ASP A 119 -11.77 -4.54 10.74
N SER A 120 -12.41 -5.67 10.97
CA SER A 120 -11.87 -6.64 11.89
C SER A 120 -10.64 -7.34 11.37
N THR A 121 -10.36 -7.26 10.06
CA THR A 121 -9.32 -8.05 9.44
C THR A 121 -7.92 -7.43 9.51
N ILE A 122 -7.83 -6.14 9.84
CA ILE A 122 -6.54 -5.44 9.85
C ILE A 122 -6.19 -5.14 11.31
N ASP A 123 -5.09 -5.73 11.78
CA ASP A 123 -4.65 -5.58 13.17
C ASP A 123 -3.68 -4.43 13.37
N GLY A 124 -3.35 -3.71 12.32
CA GLY A 124 -2.42 -2.61 12.36
C GLY A 124 -1.77 -2.43 11.01
N LEU A 125 -0.82 -1.49 10.96
CA LEU A 125 -0.11 -1.16 9.75
C LEU A 125 1.38 -1.36 9.97
N LEU A 126 2.09 -1.73 8.90
CA LEU A 126 3.55 -1.78 8.89
C LEU A 126 4.04 -0.85 7.79
N GLY A 127 4.53 0.32 8.19
CA GLY A 127 4.93 1.32 7.24
C GLY A 127 6.26 0.98 6.57
N LEU A 128 6.32 1.25 5.27
CA LEU A 128 7.45 0.96 4.41
C LEU A 128 7.87 2.15 3.56
N ALA A 129 7.35 3.35 3.84
CA ALA A 129 7.89 4.58 3.26
C ALA A 129 9.16 4.95 4.02
N PHE A 130 9.70 6.14 3.79
CA PHE A 130 10.97 6.50 4.40
C PHE A 130 10.77 6.92 5.85
N SER A 131 11.78 6.64 6.69
CA SER A 131 11.63 6.85 8.13
C SER A 131 11.45 8.33 8.50
N THR A 132 11.79 9.25 7.60
CA THR A 132 11.53 10.66 7.82
C THR A 132 10.05 10.99 8.06
N LEU A 133 9.11 10.12 7.61
CA LEU A 133 7.70 10.32 7.88
C LEU A 133 7.22 9.73 9.21
N ASN A 134 8.07 9.01 9.93
CA ASN A 134 7.60 8.38 11.17
C ASN A 134 7.12 9.43 12.18
N THR A 135 6.00 9.16 12.85
CA THR A 135 5.35 10.17 13.67
C THR A 135 5.77 10.12 15.15
N VAL A 136 6.62 9.20 15.57
CA VAL A 136 6.91 9.10 17.00
C VAL A 136 7.61 10.36 17.47
N SER A 137 7.18 10.84 18.64
CA SER A 137 7.69 12.05 19.26
C SER A 137 8.02 11.69 20.72
N PRO A 138 9.12 12.25 21.28
CA PRO A 138 10.00 13.28 20.72
C PRO A 138 11.18 12.74 19.93
N THR A 139 11.30 11.41 19.82
CA THR A 139 12.42 10.77 19.13
C THR A 139 11.84 9.92 18.01
N GLN A 140 12.02 10.37 16.78
N GLN A 140 12.06 10.37 16.78
CA GLN A 140 11.49 9.65 15.63
CA GLN A 140 11.57 9.66 15.60
C GLN A 140 12.15 8.28 15.53
C GLN A 140 12.15 8.26 15.56
N GLN A 141 11.35 7.31 15.09
CA GLN A 141 11.75 5.92 15.01
C GLN A 141 11.88 5.46 13.55
N LYS A 142 12.63 4.37 13.37
CA LYS A 142 12.89 3.78 12.06
C LYS A 142 11.88 2.71 11.68
N THR A 143 11.61 2.60 10.37
CA THR A 143 10.77 1.53 9.87
C THR A 143 11.47 0.16 10.02
N PHE A 144 10.64 -0.89 9.92
CA PHE A 144 11.16 -2.25 9.90
C PHE A 144 12.20 -2.45 8.81
N PHE A 145 11.93 -1.93 7.61
CA PHE A 145 12.89 -2.06 6.52
C PHE A 145 14.18 -1.31 6.80
N ASP A 146 14.07 -0.08 7.29
CA ASP A 146 15.27 0.68 7.61
C ASP A 146 16.11 -0.05 8.65
N ASN A 147 15.48 -0.61 9.68
CA ASN A 147 16.22 -1.37 10.69
C ASN A 147 16.86 -2.63 10.11
N ALA A 148 16.16 -3.30 9.21
CA ALA A 148 16.66 -4.56 8.68
C ALA A 148 17.71 -4.40 7.59
N LYS A 149 17.75 -3.22 6.95
N LYS A 149 17.76 -3.25 6.90
CA LYS A 149 18.38 -3.07 5.64
CA LYS A 149 18.36 -3.27 5.57
C LYS A 149 19.82 -3.58 5.63
C LYS A 149 19.86 -3.54 5.57
N ALA A 150 20.61 -3.15 6.61
CA ALA A 150 22.04 -3.44 6.62
C ALA A 150 22.31 -4.94 6.75
N SER A 151 21.38 -5.70 7.31
CA SER A 151 21.53 -7.15 7.48
C SER A 151 21.09 -7.92 6.25
N LEU A 152 20.31 -7.30 5.38
CA LEU A 152 19.77 -7.99 4.22
C LEU A 152 20.84 -8.34 3.20
N ASP A 153 20.63 -9.42 2.46
CA ASP A 153 21.56 -9.77 1.39
C ASP A 153 21.70 -8.65 0.38
N SER A 154 20.59 -7.96 0.07
CA SER A 154 20.55 -6.81 -0.81
C SER A 154 19.54 -5.86 -0.18
N PRO A 155 19.78 -4.54 -0.24
CA PRO A 155 18.94 -3.58 0.52
C PRO A 155 17.66 -3.22 -0.22
N VAL A 156 16.80 -4.23 -0.37
CA VAL A 156 15.60 -4.13 -1.18
C VAL A 156 14.44 -4.87 -0.50
N PHE A 157 13.22 -4.48 -0.88
CA PHE A 157 12.07 -5.35 -0.68
C PHE A 157 11.25 -5.32 -1.95
N THR A 158 10.42 -6.34 -2.13
CA THR A 158 9.58 -6.44 -3.33
C THR A 158 8.14 -6.69 -2.94
N ALA A 159 7.25 -6.10 -3.74
CA ALA A 159 5.82 -6.29 -3.60
C ALA A 159 5.31 -7.00 -4.84
N ASP A 160 4.64 -8.13 -4.63
CA ASP A 160 4.05 -8.93 -5.71
C ASP A 160 2.61 -9.22 -5.30
N LEU A 161 1.74 -8.23 -5.47
CA LEU A 161 0.35 -8.33 -5.03
C LEU A 161 -0.45 -9.09 -6.05
N GLY A 162 -1.38 -9.92 -5.57
CA GLY A 162 -2.26 -10.66 -6.45
C GLY A 162 -3.57 -9.96 -6.76
N TYR A 163 -4.13 -10.29 -7.90
CA TYR A 163 -5.49 -9.89 -8.25
C TYR A 163 -6.44 -10.98 -7.76
N HIS A 164 -7.24 -10.63 -6.76
CA HIS A 164 -8.19 -11.56 -6.18
C HIS A 164 -7.50 -12.87 -5.77
N ALA A 165 -6.29 -12.76 -5.23
CA ALA A 165 -5.47 -13.92 -4.92
C ALA A 165 -4.34 -13.48 -4.01
N PRO A 166 -3.74 -14.41 -3.27
CA PRO A 166 -2.56 -14.05 -2.46
C PRO A 166 -1.36 -13.69 -3.33
N GLY A 167 -0.41 -13.03 -2.68
CA GLY A 167 0.83 -12.60 -3.28
C GLY A 167 1.93 -12.63 -2.25
N THR A 168 3.02 -11.92 -2.49
CA THR A 168 4.23 -12.06 -1.68
C THR A 168 4.93 -10.72 -1.46
N TYR A 169 5.40 -10.50 -0.22
CA TYR A 169 6.41 -9.50 0.11
C TYR A 169 7.71 -10.21 0.42
N ASN A 170 8.77 -9.88 -0.32
CA ASN A 170 10.09 -10.41 -0.03
C ASN A 170 11.00 -9.28 0.43
N PHE A 171 11.91 -9.62 1.34
CA PHE A 171 12.93 -8.71 1.85
C PHE A 171 14.31 -9.29 1.58
N GLY A 172 15.15 -8.48 0.94
CA GLY A 172 16.56 -8.81 0.81
C GLY A 172 16.95 -9.54 -0.44
N PHE A 173 16.01 -9.87 -1.33
CA PHE A 173 16.33 -10.59 -2.54
C PHE A 173 15.24 -10.37 -3.57
N ILE A 174 15.59 -10.58 -4.83
N ILE A 174 15.64 -10.53 -4.84
CA ILE A 174 14.67 -10.47 -5.95
CA ILE A 174 14.77 -10.53 -6.00
C ILE A 174 14.47 -11.88 -6.52
C ILE A 174 14.50 -11.98 -6.39
N ASP A 175 13.22 -12.37 -6.45
CA ASP A 175 12.85 -13.69 -6.93
C ASP A 175 12.71 -13.59 -8.44
N THR A 176 13.73 -14.06 -9.16
CA THR A 176 13.74 -13.93 -10.61
C THR A 176 12.72 -14.83 -11.29
N THR A 177 12.07 -15.73 -10.55
CA THR A 177 11.00 -16.54 -11.12
C THR A 177 9.64 -15.85 -11.04
N ALA A 178 9.55 -14.71 -10.38
CA ALA A 178 8.25 -14.11 -10.06
C ALA A 178 7.76 -13.11 -11.11
N TYR A 179 8.53 -12.88 -12.17
CA TYR A 179 8.17 -11.90 -13.17
C TYR A 179 8.61 -12.38 -14.54
N THR A 180 8.04 -11.75 -15.57
CA THR A 180 8.43 -11.99 -16.95
C THR A 180 9.27 -10.82 -17.44
N GLY A 181 10.06 -11.06 -18.49
CA GLY A 181 10.85 -10.00 -19.05
C GLY A 181 11.89 -9.49 -18.06
N SER A 182 12.20 -8.20 -18.18
N SER A 182 12.17 -8.19 -18.14
CA SER A 182 13.17 -7.53 -17.32
CA SER A 182 13.16 -7.55 -17.29
C SER A 182 12.47 -6.58 -16.36
C SER A 182 12.50 -6.50 -16.40
N ILE A 183 13.20 -6.18 -15.33
CA ILE A 183 12.77 -5.15 -14.40
C ILE A 183 13.32 -3.84 -14.92
N THR A 184 12.45 -2.86 -15.12
CA THR A 184 12.87 -1.52 -15.50
C THR A 184 12.90 -0.64 -14.26
N TYR A 185 14.08 -0.09 -13.97
CA TYR A 185 14.27 0.77 -12.83
C TYR A 185 14.10 2.23 -13.23
N THR A 186 13.59 3.02 -12.29
CA THR A 186 13.29 4.42 -12.52
C THR A 186 13.63 5.21 -11.27
N ALA A 187 13.95 6.50 -11.46
CA ALA A 187 14.41 7.34 -10.37
C ALA A 187 13.33 7.62 -9.32
N VAL A 188 13.76 7.79 -8.08
CA VAL A 188 12.89 8.09 -6.95
C VAL A 188 13.32 9.41 -6.34
N SER A 189 12.36 10.24 -5.96
CA SER A 189 12.61 11.34 -5.06
C SER A 189 12.11 10.97 -3.68
N THR A 190 12.96 11.15 -2.66
CA THR A 190 12.59 10.92 -1.29
C THR A 190 12.22 12.21 -0.55
N LYS A 191 12.09 13.33 -1.27
CA LYS A 191 11.94 14.63 -0.63
C LYS A 191 10.65 14.75 0.19
N GLN A 192 9.58 14.04 -0.20
CA GLN A 192 8.33 14.04 0.55
C GLN A 192 8.18 12.79 1.42
N GLY A 193 9.24 11.98 1.53
CA GLY A 193 9.19 10.78 2.34
C GLY A 193 8.60 9.57 1.68
N PHE A 194 8.18 9.68 0.42
CA PHE A 194 7.49 8.61 -0.29
C PHE A 194 8.41 7.99 -1.34
N TRP A 195 7.95 6.84 -1.86
CA TRP A 195 8.56 6.23 -3.04
C TRP A 195 7.95 6.94 -4.26
N GLU A 196 8.45 8.14 -4.53
CA GLU A 196 7.90 9.05 -5.53
C GLU A 196 8.70 8.94 -6.82
N TRP A 197 8.01 8.77 -7.93
CA TRP A 197 8.63 8.51 -9.21
C TRP A 197 7.81 9.20 -10.29
N THR A 198 8.27 9.12 -11.54
CA THR A 198 7.59 9.78 -12.66
C THR A 198 7.32 8.75 -13.74
N SER A 199 6.05 8.43 -13.93
CA SER A 199 5.64 7.60 -15.05
C SER A 199 5.78 8.36 -16.35
N THR A 200 6.07 7.64 -17.43
CA THR A 200 6.31 8.25 -18.73
C THR A 200 5.06 8.35 -19.60
N GLY A 201 3.90 7.87 -19.15
CA GLY A 201 2.67 8.12 -19.87
C GLY A 201 1.67 6.99 -19.70
N TYR A 202 0.69 6.96 -20.59
CA TYR A 202 -0.38 5.98 -20.44
C TYR A 202 -1.05 5.67 -21.77
N ALA A 203 -1.80 4.57 -21.77
CA ALA A 203 -2.72 4.24 -22.85
C ALA A 203 -4.00 3.68 -22.24
N VAL A 204 -5.09 3.82 -22.97
CA VAL A 204 -6.38 3.26 -22.59
C VAL A 204 -6.74 2.16 -23.58
N GLY A 205 -6.96 0.95 -23.09
CA GLY A 205 -7.30 -0.17 -23.96
C GLY A 205 -6.24 -0.34 -25.02
N SER A 206 -6.68 -0.54 -26.25
N SER A 206 -6.68 -0.54 -26.25
CA SER A 206 -5.79 -0.74 -27.39
CA SER A 206 -5.79 -0.74 -27.39
C SER A 206 -5.37 0.58 -28.02
C SER A 206 -5.37 0.58 -28.02
N GLY A 207 -5.63 1.70 -27.36
CA GLY A 207 -5.31 3.00 -27.91
C GLY A 207 -3.82 3.28 -27.91
N THR A 208 -3.48 4.35 -28.60
CA THR A 208 -2.09 4.75 -28.69
C THR A 208 -1.57 5.28 -27.35
N PHE A 209 -0.29 5.09 -27.13
CA PHE A 209 0.35 5.55 -25.90
C PHE A 209 0.57 7.06 -25.96
N LYS A 210 0.18 7.74 -24.89
CA LYS A 210 0.40 9.17 -24.70
C LYS A 210 1.61 9.38 -23.83
N SER A 211 2.66 9.97 -24.40
N SER A 211 2.64 10.03 -24.39
CA SER A 211 3.87 10.27 -23.64
CA SER A 211 3.88 10.31 -23.68
C SER A 211 3.64 11.54 -22.85
C SER A 211 3.67 11.57 -22.85
N THR A 212 3.68 11.43 -21.53
CA THR A 212 3.46 12.56 -20.63
C THR A 212 3.97 12.15 -19.27
N SER A 213 4.64 13.07 -18.59
CA SER A 213 5.20 12.78 -17.27
C SER A 213 4.13 12.85 -16.20
N ILE A 214 4.01 11.80 -15.40
CA ILE A 214 3.04 11.73 -14.32
C ILE A 214 3.80 11.40 -13.03
N ASP A 215 3.97 12.40 -12.18
N ASP A 215 4.09 12.43 -12.23
CA ASP A 215 4.67 12.21 -10.92
CA ASP A 215 4.69 12.20 -10.93
C ASP A 215 3.71 11.63 -9.88
C ASP A 215 3.67 11.51 -10.03
N GLY A 216 4.12 10.55 -9.23
CA GLY A 216 3.23 9.96 -8.25
C GLY A 216 3.99 9.04 -7.33
N ILE A 217 3.26 8.40 -6.41
CA ILE A 217 3.89 7.56 -5.40
C ILE A 217 3.46 6.11 -5.57
N ALA A 218 4.38 5.19 -5.33
CA ALA A 218 4.06 3.78 -5.29
C ALA A 218 3.58 3.46 -3.87
N ASP A 219 2.29 3.19 -3.71
CA ASP A 219 1.66 3.12 -2.38
C ASP A 219 0.84 1.84 -2.23
N THR A 220 1.44 0.82 -1.63
CA THR A 220 0.73 -0.44 -1.42
C THR A 220 -0.44 -0.31 -0.45
N GLY A 221 -0.46 0.74 0.38
N GLY A 221 -0.48 0.75 0.36
CA GLY A 221 -1.56 0.91 1.30
CA GLY A 221 -1.55 0.97 1.31
C GLY A 221 -2.83 1.42 0.65
C GLY A 221 -2.75 1.75 0.80
N THR A 222 -2.71 2.03 -0.53
N THR A 222 -2.79 2.05 -0.49
CA THR A 222 -3.84 2.65 -1.21
CA THR A 222 -3.93 2.71 -1.11
C THR A 222 -4.52 1.61 -2.10
C THR A 222 -4.55 1.75 -2.13
N THR A 223 -5.86 1.51 -2.01
CA THR A 223 -6.54 0.50 -2.81
C THR A 223 -6.48 0.82 -4.30
N LEU A 224 -6.77 2.07 -4.66
CA LEU A 224 -7.07 2.47 -6.03
C LEU A 224 -5.90 3.21 -6.69
N LEU A 225 -6.08 3.50 -7.98
CA LEU A 225 -5.14 4.25 -8.80
C LEU A 225 -5.70 5.66 -8.98
N TYR A 226 -4.97 6.67 -8.48
CA TYR A 226 -5.39 8.07 -8.50
C TYR A 226 -4.47 8.83 -9.46
N LEU A 227 -5.03 9.39 -10.52
CA LEU A 227 -4.29 10.02 -11.60
C LEU A 227 -4.92 11.35 -11.97
N PRO A 228 -4.24 12.18 -12.77
CA PRO A 228 -4.82 13.48 -13.09
C PRO A 228 -6.17 13.36 -13.77
N ALA A 229 -7.01 14.39 -13.58
CA ALA A 229 -8.37 14.34 -14.08
C ALA A 229 -8.44 14.14 -15.58
N THR A 230 -7.48 14.69 -16.33
CA THR A 230 -7.46 14.52 -17.78
C THR A 230 -7.32 13.04 -18.15
N VAL A 231 -6.40 12.35 -17.48
CA VAL A 231 -6.13 10.95 -17.76
C VAL A 231 -7.34 10.10 -17.40
N VAL A 232 -7.92 10.37 -16.23
CA VAL A 232 -9.04 9.59 -15.74
C VAL A 232 -10.27 9.79 -16.63
N SER A 233 -10.52 11.02 -17.09
CA SER A 233 -11.61 11.28 -18.01
C SER A 233 -11.43 10.51 -19.31
N ALA A 234 -10.19 10.47 -19.83
CA ALA A 234 -9.91 9.74 -21.05
C ALA A 234 -10.19 8.24 -20.87
N TYR A 235 -9.88 7.70 -19.70
CA TYR A 235 -10.18 6.28 -19.45
C TYR A 235 -11.69 6.04 -19.45
N TRP A 236 -12.42 6.76 -18.59
CA TRP A 236 -13.84 6.46 -18.40
C TRP A 236 -14.69 6.82 -19.62
N ALA A 237 -14.19 7.70 -20.48
CA ALA A 237 -14.88 7.99 -21.73
C ALA A 237 -14.98 6.76 -22.63
N GLN A 238 -14.16 5.74 -22.40
CA GLN A 238 -14.22 4.50 -23.17
C GLN A 238 -15.17 3.46 -22.58
N VAL A 239 -15.92 3.82 -21.54
CA VAL A 239 -16.85 2.91 -20.89
C VAL A 239 -18.26 3.51 -21.02
N SER A 240 -19.11 2.83 -21.78
N SER A 240 -19.10 2.86 -21.81
CA SER A 240 -20.48 3.30 -21.97
CA SER A 240 -20.45 3.40 -22.02
C SER A 240 -21.19 3.48 -20.64
C SER A 240 -21.21 3.48 -20.71
N GLY A 241 -21.76 4.66 -20.44
CA GLY A 241 -22.53 4.92 -19.24
C GLY A 241 -21.72 5.36 -18.03
N ALA A 242 -20.39 5.37 -18.10
CA ALA A 242 -19.62 5.77 -16.94
C ALA A 242 -19.78 7.26 -16.71
N LYS A 243 -19.73 7.66 -15.44
CA LYS A 243 -19.88 9.06 -15.09
C LYS A 243 -19.22 9.30 -13.76
N SER A 244 -18.86 10.55 -13.51
CA SER A 244 -18.37 10.95 -12.21
C SER A 244 -19.54 11.38 -11.35
N SER A 245 -19.67 10.77 -10.20
CA SER A 245 -20.77 10.97 -9.29
C SER A 245 -20.27 11.67 -8.03
N SER A 246 -20.68 12.93 -7.84
N SER A 246 -20.70 12.92 -7.84
CA SER A 246 -20.31 13.62 -6.62
CA SER A 246 -20.33 13.65 -6.63
C SER A 246 -20.91 12.93 -5.40
C SER A 246 -20.95 13.03 -5.39
N SER A 247 -22.13 12.42 -5.52
CA SER A 247 -22.79 11.80 -4.37
C SER A 247 -22.09 10.50 -3.98
N VAL A 248 -21.61 9.74 -4.96
CA VAL A 248 -20.96 8.49 -4.61
C VAL A 248 -19.51 8.76 -4.23
N GLY A 249 -18.87 9.76 -4.82
CA GLY A 249 -17.50 10.07 -4.53
C GLY A 249 -16.49 9.67 -5.57
N GLY A 250 -16.90 9.51 -6.82
CA GLY A 250 -15.96 9.24 -7.87
C GLY A 250 -16.69 8.69 -9.10
N TYR A 251 -15.88 8.18 -10.01
CA TYR A 251 -16.41 7.54 -11.21
C TYR A 251 -17.06 6.22 -10.86
N VAL A 252 -18.24 6.05 -11.43
CA VAL A 252 -19.02 4.83 -11.37
C VAL A 252 -19.33 4.41 -12.80
N PHE A 253 -19.70 3.14 -12.96
CA PHE A 253 -19.96 2.61 -14.29
C PHE A 253 -20.97 1.47 -14.20
N PRO A 254 -21.66 1.16 -15.29
CA PRO A 254 -22.64 0.07 -15.23
C PRO A 254 -21.94 -1.24 -14.93
N CYS A 255 -22.47 -2.00 -13.98
CA CYS A 255 -21.82 -3.25 -13.63
C CYS A 255 -21.79 -4.22 -14.81
N SER A 256 -22.64 -4.03 -15.82
CA SER A 256 -22.66 -4.85 -17.03
C SER A 256 -21.53 -4.53 -18.01
N ALA A 257 -20.73 -3.53 -17.75
CA ALA A 257 -19.69 -3.15 -18.69
C ALA A 257 -18.56 -4.18 -18.75
N THR A 258 -17.88 -4.18 -19.89
CA THR A 258 -16.56 -4.80 -20.03
C THR A 258 -15.54 -3.67 -20.02
N LEU A 259 -14.68 -3.62 -19.00
CA LEU A 259 -13.75 -2.48 -18.84
C LEU A 259 -12.53 -2.65 -19.73
N PRO A 260 -12.04 -1.58 -20.34
CA PRO A 260 -10.76 -1.63 -21.06
C PRO A 260 -9.59 -1.68 -20.08
N SER A 261 -8.48 -2.21 -20.58
CA SER A 261 -7.24 -2.16 -19.81
C SER A 261 -6.71 -0.72 -19.72
N PHE A 262 -5.74 -0.53 -18.84
CA PHE A 262 -5.05 0.74 -18.70
C PHE A 262 -3.56 0.45 -18.62
N THR A 263 -2.77 1.11 -19.47
CA THR A 263 -1.33 0.92 -19.49
C THR A 263 -0.63 2.14 -18.90
N PHE A 264 0.38 1.92 -18.06
CA PHE A 264 1.23 3.02 -17.62
C PHE A 264 2.69 2.76 -17.99
N GLY A 265 3.41 3.84 -18.26
CA GLY A 265 4.80 3.75 -18.65
C GLY A 265 5.75 3.80 -17.47
N VAL A 266 6.80 2.98 -17.56
CA VAL A 266 7.94 3.00 -16.66
C VAL A 266 9.16 3.10 -17.57
N GLY A 267 9.73 4.29 -17.69
CA GLY A 267 10.74 4.46 -18.73
C GLY A 267 10.14 4.06 -20.07
N SER A 268 10.90 3.27 -20.84
N SER A 268 10.90 3.28 -20.83
CA SER A 268 10.41 2.78 -22.11
CA SER A 268 10.42 2.77 -22.11
C SER A 268 9.55 1.53 -21.98
C SER A 268 9.50 1.56 -21.97
N ALA A 269 9.39 1.00 -20.77
CA ALA A 269 8.59 -0.19 -20.54
C ALA A 269 7.13 0.19 -20.27
N ARG A 270 6.28 -0.83 -20.30
CA ARG A 270 4.84 -0.64 -20.21
C ARG A 270 4.27 -1.70 -19.28
N ILE A 271 3.45 -1.27 -18.32
CA ILE A 271 2.72 -2.18 -17.43
C ILE A 271 1.25 -2.07 -17.80
N VAL A 272 0.63 -3.21 -18.10
CA VAL A 272 -0.77 -3.27 -18.51
C VAL A 272 -1.62 -3.76 -17.35
N ILE A 273 -2.58 -2.93 -16.95
CA ILE A 273 -3.57 -3.28 -15.92
C ILE A 273 -4.79 -3.82 -16.65
N PRO A 274 -5.13 -5.11 -16.50
CA PRO A 274 -6.33 -5.60 -17.16
C PRO A 274 -7.58 -4.89 -16.66
N GLY A 275 -8.58 -4.81 -17.56
CA GLY A 275 -9.80 -4.12 -17.20
C GLY A 275 -10.46 -4.62 -15.93
N ASP A 276 -10.45 -5.93 -15.69
N ASP A 276 -10.44 -5.94 -15.72
CA ASP A 276 -11.17 -6.37 -14.52
CA ASP A 276 -11.07 -6.52 -14.54
C ASP A 276 -10.50 -5.96 -13.21
C ASP A 276 -10.52 -5.91 -13.25
N TYR A 277 -9.23 -5.54 -13.25
CA TYR A 277 -8.59 -5.02 -12.04
C TYR A 277 -9.19 -3.70 -11.63
N ILE A 278 -9.92 -3.04 -12.53
CA ILE A 278 -10.47 -1.72 -12.33
C ILE A 278 -11.92 -1.77 -11.83
N ASP A 279 -12.46 -2.96 -11.65
N ASP A 279 -12.46 -2.98 -11.64
CA ASP A 279 -13.84 -3.13 -11.18
CA ASP A 279 -13.83 -3.18 -11.16
C ASP A 279 -13.84 -3.35 -9.67
C ASP A 279 -13.83 -3.36 -9.64
N PHE A 280 -14.44 -2.42 -8.92
CA PHE A 280 -14.60 -2.51 -7.47
C PHE A 280 -16.03 -2.80 -7.04
N GLY A 281 -16.85 -3.30 -7.96
CA GLY A 281 -18.11 -3.89 -7.59
C GLY A 281 -19.19 -2.86 -7.25
N PRO A 282 -20.37 -3.38 -6.88
CA PRO A 282 -21.52 -2.50 -6.66
C PRO A 282 -21.22 -1.43 -5.62
N ILE A 283 -21.77 -0.23 -5.85
CA ILE A 283 -21.53 0.88 -4.94
C ILE A 283 -22.18 0.66 -3.58
N SER A 284 -23.25 -0.13 -3.57
CA SER A 284 -23.96 -0.56 -2.38
C SER A 284 -24.54 -1.92 -2.72
N THR A 285 -24.82 -2.71 -1.70
CA THR A 285 -25.23 -4.07 -1.95
C THR A 285 -26.47 -4.12 -2.85
N GLY A 286 -26.38 -4.93 -3.90
CA GLY A 286 -27.48 -5.10 -4.83
C GLY A 286 -27.58 -4.06 -5.93
N SER A 287 -26.76 -3.03 -5.92
CA SER A 287 -26.80 -2.03 -6.97
C SER A 287 -26.21 -2.56 -8.27
N SER A 288 -26.71 -2.04 -9.39
CA SER A 288 -26.12 -2.28 -10.70
C SER A 288 -25.15 -1.19 -11.13
N SER A 289 -24.83 -0.26 -10.24
N SER A 289 -24.85 -0.24 -10.25
CA SER A 289 -23.80 0.74 -10.46
CA SER A 289 -23.79 0.73 -10.49
C SER A 289 -22.55 0.33 -9.70
C SER A 289 -22.56 0.27 -9.74
N CYS A 290 -21.41 0.27 -10.42
CA CYS A 290 -20.17 -0.24 -9.88
C CYS A 290 -19.15 0.88 -9.71
N PHE A 291 -18.28 0.71 -8.72
CA PHE A 291 -17.28 1.72 -8.40
C PHE A 291 -15.99 1.50 -9.19
N GLY A 292 -15.49 2.56 -9.79
CA GLY A 292 -14.28 2.45 -10.60
C GLY A 292 -12.99 2.41 -9.80
N GLY A 293 -12.00 1.71 -10.36
CA GLY A 293 -10.72 1.55 -9.71
C GLY A 293 -9.66 2.56 -10.11
N ILE A 294 -9.98 3.42 -11.08
CA ILE A 294 -9.18 4.56 -11.49
C ILE A 294 -10.00 5.81 -11.17
N GLN A 295 -9.41 6.70 -10.36
CA GLN A 295 -10.10 7.87 -9.86
C GLN A 295 -9.19 9.08 -9.98
N SER A 296 -9.80 10.26 -9.97
CA SER A 296 -9.04 11.50 -10.06
C SER A 296 -8.27 11.79 -8.78
N SER A 297 -7.04 12.25 -8.95
CA SER A 297 -6.23 12.75 -7.85
C SER A 297 -6.43 14.24 -7.59
N ALA A 298 -7.31 14.89 -8.33
N ALA A 298 -7.31 14.89 -8.33
CA ALA A 298 -7.32 16.35 -8.34
CA ALA A 298 -7.55 16.31 -8.10
C ALA A 298 -7.49 16.93 -6.95
C ALA A 298 -8.08 16.51 -6.69
N GLY A 299 -8.27 16.27 -6.09
N GLY A 299 -7.40 17.34 -5.91
CA GLY A 299 -8.50 16.74 -4.73
CA GLY A 299 -7.73 17.57 -4.53
C GLY A 299 -7.48 16.28 -3.70
C GLY A 299 -6.84 16.80 -3.57
N ILE A 300 -6.39 15.64 -4.11
N ILE A 300 -6.31 15.66 -4.01
CA ILE A 300 -5.44 15.02 -3.19
CA ILE A 300 -5.34 14.92 -3.20
C ILE A 300 -4.13 15.80 -3.10
C ILE A 300 -4.01 15.67 -3.13
N GLY A 301 -3.62 16.28 -4.24
CA GLY A 301 -2.33 16.95 -4.28
C GLY A 301 -1.19 16.09 -4.75
N ILE A 302 -1.42 14.80 -4.97
CA ILE A 302 -0.39 13.89 -5.47
C ILE A 302 -1.10 12.75 -6.18
N ASN A 303 -0.47 12.24 -7.23
CA ASN A 303 -0.96 11.03 -7.86
C ASN A 303 -0.49 9.81 -7.09
N ILE A 304 -1.33 8.78 -7.06
CA ILE A 304 -1.06 7.59 -6.25
C ILE A 304 -1.20 6.34 -7.11
N PHE A 305 -0.08 5.65 -7.31
CA PHE A 305 -0.07 4.33 -7.91
C PHE A 305 -0.32 3.33 -6.78
N GLY A 306 -1.61 3.13 -6.48
CA GLY A 306 -2.05 2.19 -5.46
C GLY A 306 -2.15 0.78 -5.99
N ASP A 307 -2.88 -0.05 -5.25
CA ASP A 307 -2.87 -1.49 -5.51
C ASP A 307 -3.35 -1.83 -6.91
N VAL A 308 -4.34 -1.11 -7.44
CA VAL A 308 -4.82 -1.36 -8.81
C VAL A 308 -3.66 -1.39 -9.79
N ALA A 309 -2.73 -0.44 -9.67
CA ALA A 309 -1.56 -0.43 -10.55
C ALA A 309 -0.51 -1.44 -10.09
N LEU A 310 -0.17 -1.46 -8.80
CA LEU A 310 0.94 -2.27 -8.36
C LEU A 310 0.69 -3.75 -8.56
N LYS A 311 -0.56 -4.20 -8.41
N LYS A 311 -0.55 -4.21 -8.41
CA LYS A 311 -0.85 -5.62 -8.51
CA LYS A 311 -0.78 -5.64 -8.51
C LYS A 311 -0.67 -6.15 -9.93
C LYS A 311 -0.66 -6.16 -9.93
N ALA A 312 -0.60 -5.26 -10.92
CA ALA A 312 -0.29 -5.66 -12.29
C ALA A 312 1.21 -5.88 -12.53
N ALA A 313 2.05 -5.63 -11.52
CA ALA A 313 3.50 -5.66 -11.68
C ALA A 313 4.16 -6.42 -10.54
N PHE A 314 5.41 -6.76 -10.78
CA PHE A 314 6.37 -7.13 -9.74
C PHE A 314 7.17 -5.86 -9.46
N VAL A 315 7.16 -5.37 -8.22
CA VAL A 315 7.69 -4.04 -7.90
C VAL A 315 8.84 -4.17 -6.92
N VAL A 316 9.97 -3.58 -7.28
CA VAL A 316 11.17 -3.55 -6.45
C VAL A 316 11.29 -2.19 -5.80
N PHE A 317 11.36 -2.18 -4.47
CA PHE A 317 11.62 -0.99 -3.67
C PHE A 317 13.10 -1.09 -3.28
N ASN A 318 13.95 -0.39 -4.03
CA ASN A 318 15.39 -0.50 -3.89
C ASN A 318 15.87 0.58 -2.92
N GLY A 319 16.29 0.17 -1.74
CA GLY A 319 16.76 1.07 -0.70
C GLY A 319 18.26 1.24 -0.63
N ALA A 320 18.92 1.13 -1.79
CA ALA A 320 20.32 1.51 -1.91
C ALA A 320 20.52 2.98 -1.54
N THR A 321 21.79 3.38 -1.46
CA THR A 321 22.13 4.74 -1.04
C THR A 321 21.32 5.78 -1.80
N THR A 322 21.20 5.62 -3.11
CA THR A 322 20.23 6.36 -3.91
C THR A 322 19.07 5.44 -4.22
N PRO A 323 17.92 5.58 -3.56
CA PRO A 323 16.82 4.63 -3.81
C PRO A 323 16.32 4.74 -5.24
N THR A 324 15.79 3.61 -5.74
CA THR A 324 15.10 3.55 -7.03
C THR A 324 13.91 2.61 -6.90
N LEU A 325 13.02 2.64 -7.90
N LEU A 325 13.16 2.49 -7.99
CA LEU A 325 11.91 1.68 -8.01
CA LEU A 325 11.94 1.71 -8.00
C LEU A 325 12.12 0.87 -9.26
C LEU A 325 11.94 0.91 -9.29
N GLY A 326 11.77 -0.40 -9.20
CA GLY A 326 11.75 -1.26 -10.37
C GLY A 326 10.38 -1.85 -10.62
N PHE A 327 10.01 -1.97 -11.89
CA PHE A 327 8.74 -2.59 -12.28
C PHE A 327 8.98 -3.62 -13.37
N ALA A 328 8.38 -4.79 -13.20
CA ALA A 328 8.33 -5.81 -14.23
C ALA A 328 6.91 -6.28 -14.43
N SER A 329 6.60 -6.71 -15.65
CA SER A 329 5.37 -7.44 -15.91
C SER A 329 5.46 -8.84 -15.29
N LYS A 330 4.32 -9.51 -15.17
CA LYS A 330 4.31 -10.83 -14.56
C LYS A 330 3.18 -11.68 -15.05
#